data_4Z8J
#
_entry.id   4Z8J
#
_cell.length_a   37.070
_cell.length_b   48.625
_cell.length_c   55.725
_cell.angle_alpha   90.00
_cell.angle_beta   90.00
_cell.angle_gamma   90.00
#
_symmetry.space_group_name_H-M   'P 21 21 21'
#
loop_
_entity.id
_entity.type
_entity.pdbx_description
1 polymer 'Sorting nexin-27'
2 polymer 'C-terminal PDZ binding motif from parathyroid hormone receptor (PTHR)'
3 water water
#
loop_
_entity_poly.entity_id
_entity_poly.type
_entity_poly.pdbx_seq_one_letter_code
_entity_poly.pdbx_strand_id
1 'polypeptide(L)'
;GSHGGSPRVVRIVKSESGYGFNVRGQVSEGGQLRSINGELYAPLQHVSAVLPGGAADRAGVRKGDRILEVNGVNVEGATH
KQVVDLIRAGEKELILTVLSV
;
A
2 'polypeptide(L)' QEEWETVM B
#
# COMPACT_ATOMS: atom_id res chain seq x y z
N SER A 6 -1.37 -6.11 -13.81
CA SER A 6 -2.32 -6.97 -13.13
C SER A 6 -2.00 -7.07 -11.64
N PRO A 7 -3.03 -7.17 -10.79
CA PRO A 7 -2.76 -7.27 -9.36
C PRO A 7 -1.88 -8.47 -9.00
N ARG A 8 -1.01 -8.27 -8.01
CA ARG A 8 -0.15 -9.32 -7.52
C ARG A 8 -0.05 -9.20 -6.01
N VAL A 9 0.27 -10.31 -5.37
CA VAL A 9 0.39 -10.37 -3.93
C VAL A 9 1.85 -10.48 -3.50
N VAL A 10 2.21 -9.68 -2.51
CA VAL A 10 3.55 -9.68 -1.94
CA VAL A 10 3.54 -9.67 -1.95
C VAL A 10 3.45 -9.89 -0.44
N ARG A 11 4.38 -10.66 0.10
CA ARG A 11 4.50 -10.91 1.53
C ARG A 11 5.78 -10.23 2.00
N ILE A 12 5.70 -9.47 3.08
CA ILE A 12 6.82 -8.69 3.59
C ILE A 12 6.96 -8.94 5.08
N VAL A 13 8.17 -9.29 5.48
CA VAL A 13 8.50 -9.55 6.87
C VAL A 13 9.18 -8.31 7.43
N LYS A 14 8.65 -7.84 8.54
CA LYS A 14 9.10 -6.61 9.17
C LYS A 14 10.50 -6.77 9.76
N SER A 15 11.31 -5.73 9.60
CA SER A 15 12.58 -5.62 10.32
C SER A 15 12.31 -4.75 11.55
N GLU A 16 13.30 -4.61 12.43
CA GLU A 16 13.10 -3.76 13.61
C GLU A 16 12.81 -2.32 13.20
N SER A 17 13.30 -1.92 12.03
CA SER A 17 13.10 -0.56 11.52
C SER A 17 11.88 -0.44 10.60
N GLY A 18 11.14 -1.53 10.44
CA GLY A 18 9.91 -1.52 9.69
C GLY A 18 9.93 -2.30 8.40
N TYR A 19 8.94 -2.02 7.56
CA TYR A 19 8.79 -2.71 6.30
C TYR A 19 9.57 -2.09 5.15
N GLY A 20 10.12 -0.90 5.36
CA GLY A 20 10.94 -0.29 4.32
C GLY A 20 10.18 0.31 3.14
N PHE A 21 9.02 0.91 3.41
CA PHE A 21 8.33 1.66 2.37
C PHE A 21 7.50 2.74 3.01
N ASN A 22 7.14 3.74 2.20
CA ASN A 22 6.22 4.78 2.61
C ASN A 22 4.91 4.59 1.84
N VAL A 23 3.80 4.91 2.50
CA VAL A 23 2.49 4.90 1.87
C VAL A 23 1.95 6.33 1.85
N ARG A 24 1.35 6.71 0.73
CA ARG A 24 0.83 8.04 0.54
C ARG A 24 -0.54 7.96 -0.13
N GLY A 25 -1.45 8.82 0.29
CA GLY A 25 -2.71 8.93 -0.40
C GLY A 25 -3.70 9.78 0.36
N GLN A 26 -4.95 9.73 -0.08
CA GLN A 26 -5.96 10.65 0.41
CA GLN A 26 -5.97 10.64 0.41
C GLN A 26 -6.35 10.37 1.85
N VAL A 27 -6.65 11.44 2.57
CA VAL A 27 -7.16 11.36 3.92
C VAL A 27 -8.60 10.88 3.97
N SER A 28 -9.42 11.35 3.03
CA SER A 28 -10.85 11.07 3.02
CA SER A 28 -10.84 11.07 3.03
C SER A 28 -11.17 9.71 2.41
N GLU A 29 -12.41 9.28 2.60
CA GLU A 29 -12.94 8.06 2.02
C GLU A 29 -13.49 8.34 0.63
N GLY A 30 -13.33 7.38 -0.26
CA GLY A 30 -14.03 7.45 -1.53
C GLY A 30 -13.44 8.45 -2.50
N GLY A 31 -14.29 9.05 -3.33
CA GLY A 31 -13.84 10.00 -4.31
C GLY A 31 -13.96 9.53 -5.74
N GLN A 32 -13.61 10.42 -6.66
CA GLN A 32 -13.74 10.18 -8.08
C GLN A 32 -12.97 8.96 -8.53
N LEU A 33 -13.55 8.20 -9.44
CA LEU A 33 -12.85 7.06 -9.97
C LEU A 33 -11.64 7.50 -10.77
N ARG A 34 -10.62 6.66 -10.76
CA ARG A 34 -9.41 6.90 -11.52
C ARG A 34 -8.93 5.53 -11.96
N SER A 35 -8.73 5.36 -13.26
CA SER A 35 -8.23 4.08 -13.71
C SER A 35 -6.75 3.92 -13.43
N ILE A 36 -6.38 2.68 -13.16
CA ILE A 36 -4.99 2.30 -12.93
C ILE A 36 -4.74 1.17 -13.93
N ASN A 37 -3.75 1.37 -14.79
CA ASN A 37 -3.51 0.51 -15.95
C ASN A 37 -4.79 0.19 -16.73
N GLY A 38 -5.60 1.22 -16.92
CA GLY A 38 -6.79 1.11 -17.74
C GLY A 38 -7.97 0.44 -17.09
N GLU A 39 -7.88 0.07 -15.81
CA GLU A 39 -8.99 -0.54 -15.08
C GLU A 39 -9.55 0.47 -14.07
N LEU A 40 -10.86 0.63 -13.99
CA LEU A 40 -11.48 1.59 -13.07
C LEU A 40 -11.38 1.15 -11.62
N TYR A 41 -10.95 2.07 -10.77
CA TYR A 41 -10.97 1.86 -9.32
C TYR A 41 -11.36 3.15 -8.64
N ALA A 42 -11.92 3.02 -7.45
CA ALA A 42 -11.97 4.14 -6.52
C ALA A 42 -10.54 4.52 -6.13
N PRO A 43 -10.34 5.70 -5.51
CA PRO A 43 -8.98 6.12 -5.19
C PRO A 43 -8.22 5.09 -4.35
N LEU A 44 -6.95 4.90 -4.70
CA LEU A 44 -6.06 3.96 -4.01
C LEU A 44 -4.89 4.68 -3.38
N GLN A 45 -4.53 4.26 -2.18
CA GLN A 45 -3.26 4.64 -1.58
C GLN A 45 -2.15 4.01 -2.41
N HIS A 46 -0.95 4.58 -2.34
CA HIS A 46 0.16 4.04 -3.12
C HIS A 46 1.47 4.10 -2.36
N VAL A 47 2.44 3.36 -2.88
CA VAL A 47 3.78 3.32 -2.34
C VAL A 47 4.57 4.50 -2.88
N SER A 48 4.91 5.43 -2.00
CA SER A 48 5.61 6.66 -2.40
C SER A 48 7.12 6.62 -2.22
N ALA A 49 7.63 5.58 -1.57
CA ALA A 49 9.07 5.37 -1.42
C ALA A 49 9.32 3.93 -1.07
N VAL A 50 10.45 3.41 -1.54
CA VAL A 50 10.93 2.09 -1.20
C VAL A 50 12.37 2.21 -0.73
N LEU A 51 12.63 1.75 0.49
CA LEU A 51 13.97 1.77 1.04
C LEU A 51 14.85 0.77 0.30
N PRO A 52 15.94 1.22 -0.33
CA PRO A 52 16.77 0.26 -1.08
C PRO A 52 17.32 -0.81 -0.17
N GLY A 53 17.12 -2.07 -0.52
CA GLY A 53 17.61 -3.17 0.28
C GLY A 53 16.73 -3.55 1.45
N GLY A 54 15.66 -2.79 1.67
CA GLY A 54 14.76 -3.08 2.77
C GLY A 54 13.81 -4.21 2.44
N ALA A 55 12.92 -4.52 3.37
CA ALA A 55 12.09 -5.70 3.25
C ALA A 55 11.14 -5.59 2.05
N ALA A 56 10.53 -4.43 1.87
CA ALA A 56 9.62 -4.24 0.76
C ALA A 56 10.34 -4.36 -0.57
N ASP A 57 11.52 -3.75 -0.67
CA ASP A 57 12.31 -3.83 -1.89
C ASP A 57 12.61 -5.28 -2.24
N ARG A 58 13.07 -6.04 -1.27
CA ARG A 58 13.45 -7.44 -1.50
CA ARG A 58 13.44 -7.44 -1.51
C ARG A 58 12.23 -8.29 -1.88
N ALA A 59 11.05 -7.89 -1.39
CA ALA A 59 9.83 -8.62 -1.68
C ALA A 59 9.24 -8.23 -3.04
N GLY A 60 9.82 -7.21 -3.66
CA GLY A 60 9.43 -6.80 -4.99
C GLY A 60 8.45 -5.64 -5.06
N VAL A 61 8.25 -4.92 -3.96
CA VAL A 61 7.43 -3.73 -3.99
C VAL A 61 8.19 -2.64 -4.74
N ARG A 62 7.46 -1.89 -5.55
CA ARG A 62 8.05 -0.86 -6.39
C ARG A 62 7.41 0.49 -6.12
N LYS A 63 8.21 1.51 -6.28
CA LYS A 63 7.75 2.87 -6.23
C LYS A 63 6.53 3.04 -7.14
N GLY A 64 5.48 3.67 -6.62
CA GLY A 64 4.27 3.91 -7.38
C GLY A 64 3.23 2.80 -7.32
N ASP A 65 3.57 1.66 -6.72
CA ASP A 65 2.61 0.59 -6.63
C ASP A 65 1.35 1.06 -5.92
N ARG A 66 0.20 0.76 -6.50
CA ARG A 66 -1.07 1.09 -5.90
C ARG A 66 -1.54 -0.08 -5.04
N ILE A 67 -2.12 0.22 -3.88
CA ILE A 67 -2.48 -0.79 -2.91
C ILE A 67 -3.97 -1.10 -2.98
N LEU A 68 -4.29 -2.35 -3.35
CA LEU A 68 -5.66 -2.83 -3.47
C LEU A 68 -6.17 -3.54 -2.21
N GLU A 69 -5.29 -4.27 -1.53
CA GLU A 69 -5.65 -5.01 -0.32
C GLU A 69 -4.49 -4.93 0.65
N VAL A 70 -4.83 -4.92 1.93
CA VAL A 70 -3.86 -5.03 2.99
C VAL A 70 -4.33 -6.14 3.93
N ASN A 71 -3.48 -7.13 4.12
CA ASN A 71 -3.78 -8.26 5.02
C ASN A 71 -5.15 -8.85 4.74
N GLY A 72 -5.45 -9.01 3.46
CA GLY A 72 -6.67 -9.64 3.01
C GLY A 72 -7.92 -8.78 3.04
N VAL A 73 -7.77 -7.49 3.34
CA VAL A 73 -8.89 -6.56 3.43
C VAL A 73 -8.82 -5.61 2.26
N ASN A 74 -9.92 -5.49 1.55
CA ASN A 74 -10.01 -4.60 0.43
C ASN A 74 -9.90 -3.14 0.89
N VAL A 75 -9.00 -2.39 0.27
CA VAL A 75 -8.78 -0.97 0.63
C VAL A 75 -9.02 -0.05 -0.55
N GLU A 76 -9.79 -0.50 -1.54
CA GLU A 76 -10.18 0.40 -2.61
CA GLU A 76 -10.18 0.40 -2.61
C GLU A 76 -11.01 1.52 -1.99
N GLY A 77 -10.64 2.76 -2.31
CA GLY A 77 -11.33 3.92 -1.77
C GLY A 77 -11.06 4.24 -0.32
N ALA A 78 -10.19 3.49 0.34
CA ALA A 78 -10.01 3.62 1.78
C ALA A 78 -9.32 4.91 2.19
N THR A 79 -9.57 5.32 3.42
CA THR A 79 -8.85 6.42 3.99
C THR A 79 -7.39 6.05 4.26
N HIS A 80 -6.55 7.07 4.31
CA HIS A 80 -5.15 6.84 4.63
C HIS A 80 -5.01 6.12 5.97
N LYS A 81 -5.76 6.59 6.96
CA LYS A 81 -5.72 6.00 8.30
C LYS A 81 -6.09 4.52 8.25
N GLN A 82 -7.13 4.15 7.48
CA GLN A 82 -7.51 2.75 7.40
C GLN A 82 -6.37 1.89 6.90
N VAL A 83 -5.69 2.37 5.86
CA VAL A 83 -4.60 1.62 5.29
C VAL A 83 -3.40 1.53 6.23
N VAL A 84 -3.03 2.64 6.86
CA VAL A 84 -1.95 2.63 7.85
C VAL A 84 -2.26 1.64 8.97
N ASP A 85 -3.48 1.70 9.50
CA ASP A 85 -3.87 0.83 10.62
C ASP A 85 -3.82 -0.63 10.17
N LEU A 86 -4.26 -0.94 8.96
CA LEU A 86 -4.20 -2.31 8.47
C LEU A 86 -2.76 -2.77 8.30
N ILE A 87 -1.88 -1.90 7.82
CA ILE A 87 -0.48 -2.28 7.68
C ILE A 87 0.12 -2.62 9.05
N ARG A 88 -0.29 -1.87 10.06
CA ARG A 88 0.19 -2.07 11.42
C ARG A 88 -0.52 -3.23 12.16
N ALA A 89 -1.46 -3.92 11.52
CA ALA A 89 -2.30 -4.90 12.22
C ALA A 89 -1.53 -6.13 12.67
N GLY A 90 -0.59 -6.56 11.84
CA GLY A 90 0.18 -7.77 12.12
C GLY A 90 1.40 -7.47 12.96
N GLU A 91 1.83 -8.41 13.79
CA GLU A 91 3.03 -8.19 14.60
CA GLU A 91 3.02 -8.20 14.61
C GLU A 91 4.27 -8.03 13.77
N LYS A 92 4.43 -8.87 12.76
CA LYS A 92 5.64 -8.79 11.95
C LYS A 92 5.48 -9.05 10.46
N GLU A 93 4.33 -9.56 10.02
CA GLU A 93 4.16 -9.85 8.62
C GLU A 93 3.09 -8.98 8.01
N LEU A 94 3.31 -8.60 6.74
CA LEU A 94 2.39 -7.81 5.96
C LEU A 94 2.17 -8.48 4.62
N ILE A 95 0.90 -8.62 4.22
CA ILE A 95 0.58 -9.14 2.90
C ILE A 95 -0.18 -8.04 2.16
N LEU A 96 0.33 -7.66 0.99
CA LEU A 96 -0.31 -6.64 0.17
C LEU A 96 -0.72 -7.20 -1.16
N THR A 97 -1.85 -6.72 -1.68
CA THR A 97 -2.17 -6.87 -3.10
C THR A 97 -1.91 -5.51 -3.73
N VAL A 98 -1.01 -5.50 -4.70
CA VAL A 98 -0.59 -4.27 -5.35
C VAL A 98 -0.72 -4.33 -6.87
N LEU A 99 -0.76 -3.15 -7.46
CA LEU A 99 -0.79 -2.96 -8.90
CA LEU A 99 -0.79 -2.97 -8.90
C LEU A 99 0.34 -2.03 -9.27
N SER A 100 1.26 -2.50 -10.11
CA SER A 100 2.37 -1.65 -10.56
C SER A 100 1.95 -0.79 -11.73
N VAL A 101 2.50 0.41 -11.80
CA VAL A 101 2.15 1.34 -12.88
C VAL A 101 3.33 1.62 -13.77
N GLU B 2 -6.63 16.36 -0.10
CA GLU B 2 -5.65 16.30 0.98
C GLU B 2 -5.00 14.91 1.01
N GLU B 3 -3.67 14.87 0.99
CA GLU B 3 -2.91 13.63 1.04
C GLU B 3 -1.95 13.62 2.22
N TRP B 4 -1.75 12.42 2.74
CA TRP B 4 -0.86 12.17 3.85
C TRP B 4 0.11 11.07 3.47
N GLU B 5 1.31 11.12 4.04
CA GLU B 5 2.34 10.11 3.83
C GLU B 5 2.81 9.59 5.18
N THR B 6 3.07 8.29 5.25
CA THR B 6 3.50 7.64 6.48
C THR B 6 4.62 6.66 6.16
N VAL B 7 5.61 6.61 7.03
CA VAL B 7 6.77 5.74 6.91
C VAL B 7 6.45 4.43 7.61
N MET B 8 6.48 3.33 6.85
CA MET B 8 6.11 2.02 7.38
C MET B 8 7.29 1.06 7.51
#